data_5LBN
#
_entry.id   5LBN
#
_cell.length_a   38.301
_cell.length_b   40.555
_cell.length_c   91.317
_cell.angle_alpha   90.000
_cell.angle_beta   90.000
_cell.angle_gamma   90.000
#
_symmetry.space_group_name_H-M   'P 21 21 21'
#
loop_
_entity.id
_entity.type
_entity.pdbx_description
1 polymer 'Ubiquitin-conjugating enzyme E2 E1'
2 non-polymer GLYCEROL
3 water water
#
_entity_poly.entity_id   1
_entity_poly.type   'polypeptide(L)'
_entity_poly.pdbx_seq_one_letter_code
;GSMSKNSKLLSTSAKRIQKELADITLDPPPNCSAGPKGDNIYEWRSTILGPPGSVYEGGVFFLDITFTPEYPFKPPKVTF
RTRIYHCNINSQGVICLDILKDNWSPALTISKVLLSICSLLTDCNPADPLVGSIATQYMTNRAEHDRMARQWTKRYAT
;
_entity_poly.pdbx_strand_id   A
#
loop_
_chem_comp.id
_chem_comp.type
_chem_comp.name
_chem_comp.formula
GOL non-polymer GLYCEROL 'C3 H8 O3'
#
# COMPACT_ATOMS: atom_id res chain seq x y z
N LYS A 5 -24.13 13.07 18.59
CA LYS A 5 -23.73 11.72 19.18
C LYS A 5 -22.85 11.92 20.42
N ASN A 6 -22.99 11.06 21.42
CA ASN A 6 -22.12 11.05 22.59
C ASN A 6 -20.93 10.22 22.26
N SER A 7 -19.76 10.82 22.27
CA SER A 7 -18.51 10.12 21.95
C SER A 7 -18.13 8.97 22.94
N LYS A 8 -18.73 8.93 24.11
CA LYS A 8 -18.57 7.78 24.99
C LYS A 8 -19.05 6.50 24.28
N LEU A 9 -19.89 6.63 23.25
CA LEU A 9 -20.44 5.47 22.54
C LEU A 9 -19.74 5.18 21.21
N LEU A 10 -18.53 5.71 20.99
CA LEU A 10 -17.80 5.37 19.79
C LEU A 10 -17.52 3.86 19.72
N SER A 11 -17.61 3.35 18.52
CA SER A 11 -17.37 1.93 18.28
C SER A 11 -15.91 1.60 18.56
N THR A 12 -15.68 0.31 18.83
CA THR A 12 -14.32 -0.15 19.07
C THR A 12 -13.48 -0.03 17.80
N SER A 13 -14.00 -0.22 16.60
CA SER A 13 -13.18 -0.04 15.39
C SER A 13 -12.86 1.42 15.22
N ALA A 14 -13.82 2.35 15.47
CA ALA A 14 -13.51 3.81 15.31
C ALA A 14 -12.43 4.24 16.29
N LYS A 15 -12.50 3.75 17.53
CA LYS A 15 -11.48 4.12 18.54
C LYS A 15 -10.10 3.58 18.12
N ARG A 16 -10.06 2.36 17.59
CA ARG A 16 -8.77 1.79 17.20
C ARG A 16 -8.19 2.56 15.99
N ILE A 17 -9.03 2.90 15.04
CA ILE A 17 -8.54 3.63 13.86
C ILE A 17 -8.05 5.00 14.26
N GLN A 18 -8.75 5.67 15.15
CA GLN A 18 -8.27 6.97 15.68
C GLN A 18 -6.90 6.88 16.32
N LYS A 19 -6.69 5.80 17.08
CA LYS A 19 -5.38 5.59 17.73
C LYS A 19 -4.31 5.36 16.65
N GLU A 20 -4.63 4.63 15.61
CA GLU A 20 -3.66 4.42 14.54
C GLU A 20 -3.42 5.69 13.75
N LEU A 21 -4.41 6.57 13.66
CA LEU A 21 -4.21 7.87 13.01
C LEU A 21 -3.25 8.75 13.78
N ALA A 22 -3.41 8.77 15.12
CA ALA A 22 -2.45 9.51 15.94
C ALA A 22 -1.04 8.98 15.76
N ASP A 23 -0.93 7.66 15.75
N ASP A 23 -0.89 7.68 15.75
CA ASP A 23 0.39 6.97 15.62
CA ASP A 23 0.47 7.13 15.68
C ASP A 23 1.08 7.37 14.37
C ASP A 23 1.12 7.36 14.34
N ILE A 24 0.35 7.30 13.26
CA ILE A 24 0.92 7.54 11.95
C ILE A 24 1.19 9.01 11.71
N THR A 25 0.56 9.88 12.49
CA THR A 25 0.82 11.33 12.45
C THR A 25 2.16 11.62 13.16
N LEU A 26 2.32 11.04 14.35
CA LEU A 26 3.56 11.28 15.14
C LEU A 26 4.77 10.55 14.55
N ASP A 27 4.53 9.36 13.98
CA ASP A 27 5.63 8.51 13.49
C ASP A 27 5.27 7.80 12.21
N PRO A 28 5.18 8.55 11.11
CA PRO A 28 4.79 7.92 9.88
C PRO A 28 5.90 7.00 9.34
N PRO A 29 5.58 5.99 8.59
CA PRO A 29 6.60 5.18 7.89
C PRO A 29 7.37 6.07 6.94
N PRO A 30 8.62 5.76 6.68
CA PRO A 30 9.37 6.56 5.75
C PRO A 30 8.71 6.65 4.39
N ASN A 31 8.70 7.91 3.88
CA ASN A 31 8.19 8.27 2.57
C ASN A 31 6.70 8.01 2.36
N CYS A 32 5.95 7.97 3.46
N CYS A 32 5.96 8.16 3.45
CA CYS A 32 4.52 7.68 3.50
CA CYS A 32 4.56 7.94 3.34
C CYS A 32 3.78 8.74 4.33
C CYS A 32 3.73 8.62 4.39
N SER A 33 2.52 8.92 3.98
CA SER A 33 1.53 9.58 4.85
C SER A 33 0.22 8.89 4.63
N ALA A 34 -0.69 8.90 5.62
CA ALA A 34 -2.04 8.35 5.41
C ALA A 34 -3.00 8.91 6.42
N GLY A 35 -4.24 9.02 6.04
CA GLY A 35 -5.29 9.37 7.02
C GLY A 35 -6.62 9.46 6.32
N PRO A 36 -7.69 9.76 7.05
CA PRO A 36 -9.01 9.91 6.48
C PRO A 36 -9.06 10.93 5.38
N LYS A 37 -9.82 10.59 4.35
CA LYS A 37 -10.05 11.55 3.29
C LYS A 37 -10.75 12.78 3.77
N GLY A 38 -11.70 12.61 4.66
CA GLY A 38 -12.47 13.75 5.21
C GLY A 38 -12.97 13.37 6.58
N ASP A 39 -14.26 13.30 6.72
CA ASP A 39 -14.91 13.16 8.01
C ASP A 39 -15.32 11.73 8.40
N ASN A 40 -14.91 10.77 7.60
CA ASN A 40 -15.28 9.35 7.81
C ASN A 40 -14.00 8.60 8.15
N ILE A 41 -13.91 8.17 9.39
CA ILE A 41 -12.68 7.55 9.92
C ILE A 41 -12.34 6.26 9.20
N TYR A 42 -13.34 5.63 8.57
CA TYR A 42 -13.12 4.33 7.90
C TYR A 42 -12.57 4.46 6.50
N GLU A 43 -12.53 5.64 5.91
N GLU A 43 -12.52 5.64 5.92
CA GLU A 43 -12.10 5.78 4.52
CA GLU A 43 -12.12 5.82 4.55
C GLU A 43 -10.91 6.72 4.40
C GLU A 43 -10.89 6.73 4.45
N TRP A 44 -9.75 6.12 4.14
CA TRP A 44 -8.46 6.81 4.17
C TRP A 44 -7.86 6.87 2.75
N ARG A 45 -6.92 7.79 2.62
CA ARG A 45 -6.00 7.82 1.46
C ARG A 45 -4.60 7.73 2.00
N SER A 46 -3.65 7.20 1.23
CA SER A 46 -2.21 7.24 1.54
C SER A 46 -1.45 7.75 0.33
N THR A 47 -0.41 8.51 0.59
CA THR A 47 0.58 8.88 -0.43
C THR A 47 1.86 8.17 -0.10
N ILE A 48 2.44 7.47 -1.07
CA ILE A 48 3.76 6.84 -0.96
C ILE A 48 4.66 7.46 -2.00
N LEU A 49 5.81 7.95 -1.57
CA LEU A 49 6.87 8.39 -2.54
C LEU A 49 7.66 7.14 -2.87
N GLY A 50 7.96 6.97 -4.15
CA GLY A 50 8.63 5.72 -4.53
C GLY A 50 9.96 5.59 -3.81
N PRO A 51 10.30 4.39 -3.31
CA PRO A 51 11.48 4.32 -2.43
C PRO A 51 12.72 4.80 -3.14
N PRO A 52 13.53 5.66 -2.50
CA PRO A 52 14.76 6.09 -3.14
C PRO A 52 15.65 4.92 -3.47
N GLY A 53 16.28 4.94 -4.63
CA GLY A 53 17.07 3.85 -5.06
C GLY A 53 16.36 2.78 -5.84
N SER A 54 15.04 2.79 -5.84
CA SER A 54 14.26 1.81 -6.56
C SER A 54 13.88 2.36 -7.94
N VAL A 55 13.30 1.50 -8.75
CA VAL A 55 12.76 1.88 -10.01
C VAL A 55 11.58 2.82 -9.93
N TYR A 56 10.97 2.96 -8.75
CA TYR A 56 9.86 3.87 -8.51
C TYR A 56 10.26 5.24 -7.97
N GLU A 57 11.57 5.48 -7.79
CA GLU A 57 12.07 6.73 -7.25
C GLU A 57 11.53 7.87 -8.12
N GLY A 58 11.08 8.95 -7.48
CA GLY A 58 10.47 10.09 -8.17
C GLY A 58 8.99 9.99 -8.39
N GLY A 59 8.43 8.82 -8.24
CA GLY A 59 6.99 8.63 -8.35
C GLY A 59 6.27 9.02 -7.10
N VAL A 60 5.03 9.43 -7.31
CA VAL A 60 4.09 9.75 -6.20
C VAL A 60 2.93 8.86 -6.43
N PHE A 61 2.69 7.96 -5.47
CA PHE A 61 1.65 6.94 -5.63
C PHE A 61 0.55 7.14 -4.59
N PHE A 62 -0.68 7.12 -5.04
CA PHE A 62 -1.86 7.29 -4.16
C PHE A 62 -2.54 5.99 -3.93
N LEU A 63 -2.95 5.68 -2.70
CA LEU A 63 -3.63 4.42 -2.36
C LEU A 63 -4.93 4.76 -1.67
N ASP A 64 -5.94 3.95 -1.91
CA ASP A 64 -7.18 4.01 -1.14
C ASP A 64 -7.12 2.95 -0.08
N ILE A 65 -7.58 3.27 1.11
CA ILE A 65 -7.64 2.35 2.24
C ILE A 65 -9.03 2.39 2.86
N THR A 66 -9.67 1.25 2.98
CA THR A 66 -10.97 1.18 3.63
C THR A 66 -10.94 0.19 4.78
N PHE A 67 -11.31 0.63 5.97
CA PHE A 67 -11.42 -0.22 7.15
C PHE A 67 -12.80 -0.76 7.27
N THR A 68 -12.95 -2.02 7.65
CA THR A 68 -14.23 -2.59 7.88
C THR A 68 -14.77 -2.29 9.27
N PRO A 69 -16.09 -2.53 9.48
CA PRO A 69 -16.63 -2.23 10.77
C PRO A 69 -16.15 -3.08 11.88
N GLU A 70 -15.58 -4.25 11.57
CA GLU A 70 -15.04 -5.15 12.64
C GLU A 70 -13.50 -5.00 12.73
N TYR A 71 -12.89 -4.00 12.14
CA TYR A 71 -11.48 -3.71 12.38
C TYR A 71 -11.18 -3.70 13.85
N PRO A 72 -10.15 -4.32 14.44
CA PRO A 72 -8.97 -4.86 13.73
C PRO A 72 -9.06 -6.33 13.41
N PHE A 73 -10.26 -6.92 13.30
CA PHE A 73 -10.38 -8.35 13.16
C PHE A 73 -10.40 -8.81 11.72
N LYS A 74 -10.46 -7.89 10.79
CA LYS A 74 -10.28 -8.15 9.39
C LYS A 74 -9.34 -7.14 8.86
N PRO A 75 -8.55 -7.47 7.82
CA PRO A 75 -7.66 -6.53 7.28
C PRO A 75 -8.34 -5.34 6.56
N PRO A 76 -7.64 -4.22 6.52
CA PRO A 76 -8.15 -3.15 5.70
C PRO A 76 -8.03 -3.53 4.22
N LYS A 77 -8.86 -2.91 3.39
CA LYS A 77 -8.79 -3.08 1.90
C LYS A 77 -7.91 -1.98 1.40
N VAL A 78 -6.78 -2.26 0.73
CA VAL A 78 -5.80 -1.30 0.32
C VAL A 78 -5.56 -1.48 -1.15
N THR A 79 -5.78 -0.45 -1.94
CA THR A 79 -5.61 -0.55 -3.39
C THR A 79 -4.76 0.60 -3.91
N PHE A 80 -3.94 0.41 -4.93
CA PHE A 80 -3.32 1.52 -5.60
C PHE A 80 -4.28 2.18 -6.54
N ARG A 81 -4.29 3.52 -6.52
N ARG A 81 -4.33 3.50 -6.51
CA ARG A 81 -5.01 4.38 -7.44
CA ARG A 81 -5.07 4.26 -7.49
C ARG A 81 -4.18 4.91 -8.59
C ARG A 81 -4.11 4.55 -8.69
N THR A 82 -2.87 4.86 -8.41
CA THR A 82 -1.88 5.26 -9.45
C THR A 82 -1.44 3.97 -10.14
N ARG A 83 -1.31 4.00 -11.45
CA ARG A 83 -0.78 2.84 -12.19
C ARG A 83 0.68 2.65 -11.81
N ILE A 84 1.09 1.40 -11.74
CA ILE A 84 2.40 0.98 -11.33
C ILE A 84 2.77 -0.32 -12.00
N TYR A 85 4.00 -0.44 -12.47
CA TYR A 85 4.46 -1.64 -13.14
C TYR A 85 5.18 -2.52 -12.09
N HIS A 86 4.51 -3.57 -11.63
CA HIS A 86 4.98 -4.34 -10.50
C HIS A 86 4.23 -5.63 -10.56
N CYS A 87 4.96 -6.75 -10.42
CA CYS A 87 4.32 -8.03 -10.61
C CYS A 87 3.35 -8.47 -9.51
N ASN A 88 3.32 -7.77 -8.39
CA ASN A 88 2.38 -8.05 -7.30
C ASN A 88 1.29 -7.01 -7.19
N ILE A 89 1.15 -6.11 -8.15
CA ILE A 89 0.10 -5.08 -8.16
C ILE A 89 -0.53 -5.04 -9.53
N ASN A 90 -1.79 -5.38 -9.64
CA ASN A 90 -2.45 -5.43 -10.96
C ASN A 90 -3.04 -4.12 -11.44
N SER A 91 -3.61 -4.14 -12.64
CA SER A 91 -4.11 -2.95 -13.27
C SER A 91 -5.32 -2.34 -12.53
N GLN A 92 -5.94 -3.07 -11.64
CA GLN A 92 -6.98 -2.52 -10.82
C GLN A 92 -6.43 -2.09 -9.48
N GLY A 93 -5.13 -2.11 -9.30
CA GLY A 93 -4.52 -1.64 -8.09
C GLY A 93 -4.58 -2.63 -6.93
N VAL A 94 -4.96 -3.87 -7.18
CA VAL A 94 -4.96 -4.89 -6.16
C VAL A 94 -3.56 -5.31 -5.82
N ILE A 95 -3.27 -5.49 -4.55
CA ILE A 95 -1.98 -5.75 -4.00
C ILE A 95 -1.89 -7.16 -3.50
N CYS A 96 -1.03 -7.97 -4.01
CA CYS A 96 -0.84 -9.32 -3.49
C CYS A 96 0.18 -9.30 -2.40
N LEU A 97 -0.33 -9.23 -1.15
CA LEU A 97 0.42 -9.19 0.07
C LEU A 97 -0.26 -10.08 1.04
N ASP A 98 0.38 -11.04 1.58
CA ASP A 98 -0.31 -12.04 2.46
C ASP A 98 -1.04 -11.50 3.70
N ILE A 99 -0.47 -10.48 4.32
CA ILE A 99 -1.13 -9.90 5.48
C ILE A 99 -2.40 -9.19 5.08
N LEU A 100 -2.65 -8.88 3.84
CA LEU A 100 -3.98 -8.27 3.41
C LEU A 100 -4.96 -9.32 2.99
N LYS A 101 -4.51 -10.58 2.84
CA LYS A 101 -5.33 -11.72 2.34
C LYS A 101 -5.62 -12.60 3.53
N ASP A 102 -4.94 -13.76 3.70
CA ASP A 102 -5.25 -14.76 4.70
C ASP A 102 -4.34 -14.73 5.92
N ASN A 103 -3.34 -13.84 5.97
N ASN A 103 -3.36 -13.83 5.99
CA ASN A 103 -2.42 -13.73 7.11
CA ASN A 103 -2.43 -13.78 7.12
C ASN A 103 -2.52 -12.43 7.91
C ASN A 103 -2.52 -12.51 7.99
N TRP A 104 -3.68 -11.83 7.96
CA TRP A 104 -3.92 -10.70 8.82
C TRP A 104 -4.00 -11.15 10.31
N SER A 105 -3.56 -10.28 11.21
CA SER A 105 -3.71 -10.44 12.63
C SER A 105 -4.14 -9.09 13.22
N PRO A 106 -4.94 -9.08 14.32
CA PRO A 106 -5.34 -7.83 14.92
C PRO A 106 -4.22 -7.07 15.54
N ALA A 107 -3.04 -7.65 15.75
CA ALA A 107 -1.94 -6.85 16.24
C ALA A 107 -1.28 -6.02 15.14
N LEU A 108 -1.59 -6.27 13.89
CA LEU A 108 -1.03 -5.44 12.81
C LEU A 108 -1.82 -4.12 12.78
N THR A 109 -1.21 -3.17 12.11
CA THR A 109 -1.70 -1.75 12.03
C THR A 109 -1.50 -1.28 10.62
N ILE A 110 -2.21 -0.21 10.30
CA ILE A 110 -2.04 0.38 9.00
C ILE A 110 -0.60 0.86 8.75
N SER A 111 0.11 1.27 9.82
CA SER A 111 1.52 1.66 9.65
C SER A 111 2.33 0.43 9.22
N LYS A 112 2.11 -0.74 9.83
CA LYS A 112 2.86 -1.95 9.42
C LYS A 112 2.49 -2.39 8.01
N VAL A 113 1.21 -2.23 7.62
CA VAL A 113 0.82 -2.55 6.25
C VAL A 113 1.57 -1.64 5.27
N LEU A 114 1.68 -0.34 5.58
CA LEU A 114 2.36 0.58 4.67
C LEU A 114 3.87 0.29 4.62
N LEU A 115 4.49 -0.07 5.75
CA LEU A 115 5.86 -0.51 5.74
C LEU A 115 6.06 -1.72 4.83
N SER A 116 5.12 -2.67 4.91
CA SER A 116 5.19 -3.88 4.07
C SER A 116 5.03 -3.55 2.57
N ILE A 117 4.13 -2.59 2.26
CA ILE A 117 4.00 -2.16 0.88
C ILE A 117 5.29 -1.52 0.38
N CYS A 118 5.92 -0.71 1.20
CA CYS A 118 7.16 -0.13 0.76
C CYS A 118 8.23 -1.13 0.54
N SER A 119 8.30 -2.14 1.42
N SER A 119 8.32 -2.15 1.42
CA SER A 119 9.23 -3.22 1.21
CA SER A 119 9.27 -3.23 1.17
C SER A 119 8.92 -4.00 -0.06
C SER A 119 8.93 -4.01 -0.08
N LEU A 120 7.65 -4.22 -0.38
CA LEU A 120 7.28 -4.91 -1.60
C LEU A 120 7.65 -4.13 -2.83
N LEU A 121 7.59 -2.78 -2.78
CA LEU A 121 8.03 -1.98 -3.93
C LEU A 121 9.50 -2.20 -4.18
N THR A 122 10.30 -2.27 -3.12
CA THR A 122 11.74 -2.43 -3.35
C THR A 122 12.16 -3.86 -3.66
N ASP A 123 11.34 -4.85 -3.21
CA ASP A 123 11.67 -6.27 -3.34
C ASP A 123 10.41 -7.04 -3.65
N CYS A 124 10.05 -7.16 -4.93
CA CYS A 124 8.87 -7.85 -5.30
C CYS A 124 8.98 -9.39 -5.11
N ASN A 125 7.83 -10.05 -5.25
CA ASN A 125 7.72 -11.53 -5.07
C ASN A 125 7.28 -12.16 -6.39
N PRO A 126 8.22 -12.44 -7.26
CA PRO A 126 7.84 -13.00 -8.56
C PRO A 126 7.33 -14.42 -8.58
N ALA A 127 7.47 -15.18 -7.50
CA ALA A 127 6.86 -16.51 -7.47
C ALA A 127 5.38 -16.51 -7.12
N ASP A 128 4.82 -15.41 -6.64
CA ASP A 128 3.36 -15.34 -6.40
C ASP A 128 2.81 -14.10 -7.08
N PRO A 129 2.85 -14.10 -8.41
CA PRO A 129 2.52 -12.85 -9.07
C PRO A 129 1.04 -12.65 -9.31
N LEU A 130 0.62 -11.42 -9.43
CA LEU A 130 -0.66 -11.06 -9.97
C LEU A 130 -0.55 -10.73 -11.41
N VAL A 131 0.64 -10.34 -11.87
CA VAL A 131 0.84 -10.01 -13.27
C VAL A 131 1.96 -10.87 -13.75
N GLY A 132 1.58 -12.01 -14.35
CA GLY A 132 2.57 -13.00 -14.71
C GLY A 132 3.58 -12.50 -15.68
N SER A 133 3.17 -11.71 -16.67
CA SER A 133 4.13 -11.23 -17.66
C SER A 133 5.24 -10.41 -17.03
N ILE A 134 4.93 -9.65 -15.99
CA ILE A 134 5.90 -8.81 -15.34
C ILE A 134 6.83 -9.69 -14.49
N ALA A 135 6.28 -10.67 -13.84
CA ALA A 135 7.10 -11.61 -13.02
C ALA A 135 8.07 -12.31 -13.92
N THR A 136 7.61 -12.81 -15.06
CA THR A 136 8.52 -13.51 -15.99
C THR A 136 9.62 -12.58 -16.44
N GLN A 137 9.31 -11.32 -16.80
CA GLN A 137 10.28 -10.36 -17.26
C GLN A 137 11.31 -10.00 -16.15
N TYR A 138 10.85 -9.85 -14.90
CA TYR A 138 11.72 -9.65 -13.81
C TYR A 138 12.77 -10.77 -13.73
N MET A 139 12.39 -12.00 -13.96
N MET A 139 12.31 -12.01 -13.91
CA MET A 139 13.37 -13.06 -13.83
CA MET A 139 13.20 -13.20 -13.82
C MET A 139 14.23 -13.31 -15.06
C MET A 139 14.16 -13.29 -15.00
N THR A 140 13.69 -13.11 -16.25
CA THR A 140 14.48 -13.38 -17.45
C THR A 140 15.16 -12.20 -18.05
N ASN A 141 14.72 -11.00 -17.62
CA ASN A 141 15.25 -9.82 -18.26
C ASN A 141 15.05 -8.65 -17.31
N ARG A 142 15.63 -8.75 -16.12
CA ARG A 142 15.51 -7.78 -15.10
C ARG A 142 15.84 -6.35 -15.62
N ALA A 143 16.81 -6.15 -16.46
CA ALA A 143 17.17 -4.82 -16.92
C ALA A 143 16.02 -4.19 -17.74
N GLU A 144 15.28 -4.99 -18.50
CA GLU A 144 14.17 -4.48 -19.29
C GLU A 144 12.96 -4.29 -18.36
N HIS A 145 12.78 -5.15 -17.40
CA HIS A 145 11.75 -4.93 -16.37
C HIS A 145 11.98 -3.57 -15.75
N ASP A 146 13.20 -3.26 -15.34
CA ASP A 146 13.47 -2.03 -14.64
C ASP A 146 13.30 -0.81 -15.55
N ARG A 147 13.66 -0.92 -16.82
CA ARG A 147 13.42 0.16 -17.78
C ARG A 147 11.94 0.47 -17.84
N MET A 148 11.15 -0.56 -17.98
N MET A 148 11.14 -0.55 -17.94
CA MET A 148 9.68 -0.43 -18.04
CA MET A 148 9.72 -0.33 -18.07
C MET A 148 9.15 0.19 -16.78
C MET A 148 9.13 0.19 -16.78
N ALA A 149 9.61 -0.25 -15.61
CA ALA A 149 9.08 0.24 -14.36
C ALA A 149 9.43 1.73 -14.24
N ARG A 150 10.64 2.15 -14.62
N ARG A 150 10.64 2.14 -14.62
CA ARG A 150 10.99 3.56 -14.56
CA ARG A 150 11.01 3.56 -14.59
C ARG A 150 10.18 4.39 -15.56
C ARG A 150 10.19 4.39 -15.56
N GLN A 151 9.89 3.81 -16.73
CA GLN A 151 9.09 4.47 -17.74
C GLN A 151 7.70 4.70 -17.20
N TRP A 152 7.07 3.69 -16.61
CA TRP A 152 5.72 3.87 -16.04
C TRP A 152 5.72 4.81 -14.90
N THR A 153 6.76 4.83 -14.07
CA THR A 153 6.82 5.79 -12.99
C THR A 153 6.83 7.19 -13.53
N LYS A 154 7.63 7.49 -14.54
CA LYS A 154 7.61 8.80 -15.16
C LYS A 154 6.26 9.11 -15.81
N ARG A 155 5.67 8.19 -16.52
CA ARG A 155 4.47 8.43 -17.34
C ARG A 155 3.21 8.55 -16.47
N TYR A 156 3.11 7.74 -15.40
CA TYR A 156 1.85 7.60 -14.68
C TYR A 156 1.90 8.09 -13.29
N ALA A 157 3.09 8.33 -12.69
CA ALA A 157 3.23 8.66 -11.28
C ALA A 157 3.98 9.96 -11.04
N THR A 158 4.13 10.83 -12.03
CA THR A 158 4.83 12.09 -11.82
C THR A 158 3.91 13.12 -12.46
C1 GOL B . -2.47 10.96 2.30
O1 GOL B . -2.69 10.57 0.93
C2 GOL B . -3.20 12.27 2.60
O2 GOL B . -2.62 13.23 1.70
C3 GOL B . -4.70 12.27 2.38
O3 GOL B . -5.13 13.58 2.75
C1 GOL C . -5.11 -5.40 -2.03
O1 GOL C . -5.76 -4.75 -3.04
C2 GOL C . -6.01 -6.51 -1.58
O2 GOL C . -5.04 -7.30 -0.94
C3 GOL C . -7.11 -5.92 -0.67
O3 GOL C . -6.48 -5.15 0.37
#